data_8PJQ
#
_entry.id   8PJQ
#
_cell.length_a   44.226
_cell.length_b   44.226
_cell.length_c   70.274
_cell.angle_alpha   90.000
_cell.angle_beta   90.000
_cell.angle_gamma   120.000
#
_symmetry.space_group_name_H-M   'P 3 2 1'
#
loop_
_entity.id
_entity.type
_entity.pdbx_description
1 polymer SAKe2BE
2 water water
#
_entity_poly.entity_id   1
_entity_poly.type   'polypeptide(L)'
_entity_poly.pdbx_seq_one_letter_code
;GSHMNGLIYAVGGYDGNTHLNSVEAYDPERNEWSLVAPLSTRRSGVGVAVLNGLIYAVGGYDGNTHLNSVEAYDPERNEW
SLVAPLSTRRSGVGVAVL
;
_entity_poly.pdbx_strand_id   A
#
# COMPACT_ATOMS: atom_id res chain seq x y z
N GLY A 6 1.29 -15.33 8.57
CA GLY A 6 2.29 -15.09 9.61
C GLY A 6 3.39 -14.13 9.24
N LEU A 7 3.17 -13.31 8.22
CA LEU A 7 4.10 -12.27 7.82
C LEU A 7 3.48 -10.90 8.06
N ILE A 8 4.33 -9.91 8.29
CA ILE A 8 3.89 -8.51 8.37
C ILE A 8 4.26 -7.84 7.05
N TYR A 9 3.28 -7.29 6.38
CA TYR A 9 3.51 -6.52 5.17
C TYR A 9 3.53 -5.04 5.47
N ALA A 10 4.53 -4.33 4.99
CA ALA A 10 4.65 -2.89 4.99
C ALA A 10 4.45 -2.39 3.58
N VAL A 11 3.41 -1.58 3.39
CA VAL A 11 2.91 -1.19 2.09
C VAL A 11 3.08 0.31 1.92
N GLY A 12 3.83 0.70 0.89
CA GLY A 12 3.95 2.10 0.54
C GLY A 12 4.57 2.95 1.64
N GLY A 13 4.15 4.20 1.69
CA GLY A 13 4.73 5.18 2.58
C GLY A 13 5.54 6.25 1.86
N TYR A 14 6.35 6.94 2.66
N TYR A 14 6.36 6.92 2.66
CA TYR A 14 7.16 8.07 2.15
CA TYR A 14 7.15 8.07 2.18
C TYR A 14 8.49 7.93 2.83
C TYR A 14 8.49 7.95 2.84
N ASP A 15 9.57 7.98 2.06
N ASP A 15 9.57 8.10 2.08
CA ASP A 15 10.92 7.89 2.66
CA ASP A 15 10.93 7.91 2.65
C ASP A 15 11.33 9.36 2.76
C ASP A 15 11.50 9.28 3.05
N GLY A 16 12.59 9.66 2.89
N GLY A 16 10.68 10.34 3.11
CA GLY A 16 12.97 11.08 2.80
CA GLY A 16 11.10 11.68 3.56
C GLY A 16 13.11 11.57 1.37
C GLY A 16 11.28 12.58 2.37
N ASN A 17 12.58 10.93 0.29
N ASN A 17 11.31 12.00 1.18
CA ASN A 17 12.90 11.31 -1.09
CA ASN A 17 11.41 12.73 -0.08
C ASN A 17 11.75 11.13 -2.09
C ASN A 17 10.38 12.25 -1.08
N THR A 18 10.93 10.09 -1.96
N THR A 18 10.30 10.93 -1.25
CA THR A 18 9.75 9.89 -2.81
CA THR A 18 9.50 10.37 -2.32
C THR A 18 8.63 9.20 -2.01
C THR A 18 8.44 9.45 -1.74
N HIS A 19 7.38 9.36 -2.48
CA HIS A 19 6.28 8.48 -2.09
C HIS A 19 6.53 7.13 -2.75
N LEU A 20 6.16 6.06 -2.05
CA LEU A 20 6.65 4.72 -2.35
C LEU A 20 5.55 3.85 -2.93
N ASN A 21 5.89 3.10 -3.98
CA ASN A 21 5.04 1.99 -4.37
C ASN A 21 5.53 0.64 -3.85
N SER A 22 6.70 0.60 -3.20
CA SER A 22 7.27 -0.67 -2.82
C SER A 22 6.57 -1.25 -1.59
N VAL A 23 6.72 -2.59 -1.48
CA VAL A 23 6.06 -3.38 -0.45
C VAL A 23 7.08 -4.42 0.02
N GLU A 24 7.16 -4.62 1.34
CA GLU A 24 8.09 -5.59 1.90
C GLU A 24 7.40 -6.37 3.00
N ALA A 25 7.86 -7.58 3.23
CA ALA A 25 7.23 -8.52 4.14
C ALA A 25 8.26 -9.01 5.16
N TYR A 26 7.84 -9.05 6.43
CA TYR A 26 8.68 -9.45 7.54
C TYR A 26 8.31 -10.83 8.03
N ASP A 27 9.35 -11.67 8.16
CA ASP A 27 9.21 -13.00 8.71
C ASP A 27 9.77 -13.00 10.11
N PRO A 28 8.94 -13.07 11.15
CA PRO A 28 9.50 -13.02 12.51
C PRO A 28 10.41 -14.19 12.84
N GLU A 29 10.25 -15.34 12.16
CA GLU A 29 11.09 -16.49 12.48
C GLU A 29 12.53 -16.25 12.09
N ARG A 30 12.80 -15.49 11.15
CA ARG A 30 14.09 -15.16 10.59
C ARG A 30 14.49 -13.72 10.84
N ASN A 31 13.62 -12.87 11.42
CA ASN A 31 13.96 -11.47 11.61
C ASN A 31 14.48 -10.82 10.34
N GLU A 32 13.75 -11.01 9.23
CA GLU A 32 14.16 -10.42 7.97
C GLU A 32 12.95 -9.88 7.21
N TRP A 33 13.17 -8.77 6.54
CA TRP A 33 12.23 -8.18 5.60
C TRP A 33 12.69 -8.51 4.19
N SER A 34 11.76 -8.74 3.26
CA SER A 34 12.11 -8.90 1.86
C SER A 34 11.09 -8.17 1.00
N LEU A 35 11.58 -7.58 -0.07
CA LEU A 35 10.73 -6.85 -1.00
C LEU A 35 9.98 -7.79 -1.93
N VAL A 36 8.70 -7.48 -2.16
CA VAL A 36 7.83 -8.27 -3.02
C VAL A 36 7.30 -7.37 -4.13
N ALA A 37 6.23 -7.75 -4.80
CA ALA A 37 5.74 -6.94 -5.90
C ALA A 37 5.24 -5.58 -5.42
N PRO A 38 5.58 -4.49 -6.11
CA PRO A 38 5.12 -3.17 -5.72
C PRO A 38 3.67 -2.93 -6.13
N LEU A 39 3.07 -1.96 -5.47
CA LEU A 39 1.78 -1.42 -5.87
C LEU A 39 1.82 -0.88 -7.30
N SER A 40 0.62 -0.73 -7.90
CA SER A 40 0.46 -0.08 -9.23
C SER A 40 0.80 1.38 -9.13
N THR A 41 0.59 1.96 -7.96
CA THR A 41 0.71 3.41 -7.71
C THR A 41 1.50 3.68 -6.45
N ARG A 42 2.25 4.74 -6.42
CA ARG A 42 2.87 5.19 -5.15
C ARG A 42 1.73 5.54 -4.21
N ARG A 43 1.85 5.18 -2.93
CA ARG A 43 0.77 5.46 -1.95
C ARG A 43 1.34 5.70 -0.55
N SER A 44 1.33 6.94 -0.07
CA SER A 44 1.55 7.17 1.35
C SER A 44 0.24 7.59 1.99
N GLY A 45 0.15 7.49 3.32
CA GLY A 45 -1.13 7.76 3.94
C GLY A 45 -2.18 6.74 3.52
N VAL A 46 -1.75 5.52 3.25
CA VAL A 46 -2.56 4.44 2.70
C VAL A 46 -3.14 3.60 3.82
N GLY A 47 -4.38 3.18 3.70
CA GLY A 47 -4.94 2.22 4.63
C GLY A 47 -4.83 0.81 4.09
N VAL A 48 -4.53 -0.13 4.95
CA VAL A 48 -4.30 -1.51 4.54
C VAL A 48 -5.09 -2.44 5.43
N ALA A 49 -5.80 -3.41 4.82
CA ALA A 49 -6.48 -4.43 5.59
C ALA A 49 -6.42 -5.75 4.85
N VAL A 50 -6.69 -6.81 5.57
CA VAL A 50 -6.61 -8.17 5.07
C VAL A 50 -7.99 -8.79 5.11
N LEU A 51 -8.42 -9.32 3.98
CA LEU A 51 -9.77 -9.95 3.85
C LEU A 51 -9.70 -11.07 2.81
N ASN A 52 -10.11 -12.28 3.18
CA ASN A 52 -10.12 -13.48 2.27
C ASN A 52 -8.74 -13.76 1.70
N GLY A 53 -7.73 -13.65 2.53
CA GLY A 53 -6.35 -13.98 2.11
C GLY A 53 -5.77 -12.97 1.17
N LEU A 54 -6.39 -11.80 0.96
CA LEU A 54 -5.83 -10.74 0.16
C LEU A 54 -5.50 -9.53 1.03
N ILE A 55 -4.52 -8.76 0.62
CA ILE A 55 -4.21 -7.49 1.26
C ILE A 55 -4.77 -6.36 0.39
N TYR A 56 -5.63 -5.53 0.96
CA TYR A 56 -6.15 -4.37 0.25
C TYR A 56 -5.40 -3.11 0.66
N ALA A 57 -4.96 -2.34 -0.32
CA ALA A 57 -4.37 -1.02 -0.16
C ALA A 57 -5.39 0.00 -0.67
N VAL A 58 -5.83 0.86 0.23
CA VAL A 58 -6.96 1.75 0.04
C VAL A 58 -6.46 3.20 0.08
N GLY A 59 -6.68 3.93 -1.03
CA GLY A 59 -6.40 5.33 -1.06
C GLY A 59 -4.94 5.65 -0.85
N GLY A 60 -4.69 6.81 -0.28
CA GLY A 60 -3.35 7.33 -0.13
C GLY A 60 -3.07 8.55 -1.00
N TYR A 61 -1.80 8.88 -1.05
N TYR A 61 -1.78 8.76 -1.30
CA TYR A 61 -1.28 10.12 -1.59
CA TYR A 61 -1.30 9.90 -2.10
C TYR A 61 -0.07 9.69 -2.42
C TYR A 61 -0.11 9.39 -2.92
N ASP A 62 -0.05 10.07 -3.68
N ASP A 62 -0.03 9.79 -4.20
CA ASP A 62 1.06 9.62 -4.51
CA ASP A 62 1.00 9.25 -5.08
C ASP A 62 2.21 10.60 -4.56
C ASP A 62 2.09 10.26 -5.47
N GLY A 63 2.11 11.70 -3.81
N GLY A 63 2.09 11.43 -4.82
CA GLY A 63 3.12 12.76 -3.78
CA GLY A 63 2.99 12.55 -5.16
C GLY A 63 2.60 13.99 -4.46
C GLY A 63 2.30 13.56 -6.06
N ASN A 64 1.54 13.85 -5.25
N ASN A 64 1.31 13.13 -6.84
CA ASN A 64 0.86 14.98 -5.92
CA ASN A 64 0.62 13.99 -7.84
C ASN A 64 -0.65 14.91 -5.68
C ASN A 64 -0.79 14.31 -7.37
N THR A 65 -1.31 13.82 -6.08
N THR A 65 -1.44 13.41 -6.63
CA THR A 65 -2.79 13.69 -6.01
CA THR A 65 -2.87 13.56 -6.24
C THR A 65 -3.22 12.71 -4.94
C THR A 65 -3.29 12.64 -5.09
N HIS A 66 -4.29 13.07 -4.24
CA HIS A 66 -4.91 12.13 -3.27
C HIS A 66 -5.65 11.09 -4.11
N LEU A 67 -5.78 9.87 -3.61
CA LEU A 67 -6.19 8.73 -4.41
C LEU A 67 -7.53 8.19 -3.94
N ASN A 68 -8.41 7.89 -4.89
CA ASN A 68 -9.57 7.05 -4.59
C ASN A 68 -9.37 5.58 -4.98
N SER A 69 -8.24 5.23 -5.61
CA SER A 69 -8.09 3.88 -6.10
C SER A 69 -7.75 2.91 -4.97
N VAL A 70 -8.04 1.64 -5.25
CA VAL A 70 -7.90 0.54 -4.31
C VAL A 70 -7.33 -0.63 -5.08
N GLU A 71 -6.36 -1.32 -4.49
CA GLU A 71 -5.80 -2.49 -5.13
C GLU A 71 -5.59 -3.60 -4.11
N ALA A 72 -5.58 -4.82 -4.59
CA ALA A 72 -5.57 -6.01 -3.75
C ALA A 72 -4.41 -6.92 -4.13
N TYR A 73 -3.69 -7.43 -3.13
CA TYR A 73 -2.52 -8.27 -3.31
C TYR A 73 -2.85 -9.72 -3.00
N ASP A 74 -2.47 -10.60 -3.93
CA ASP A 74 -2.62 -12.03 -3.74
C ASP A 74 -1.23 -12.59 -3.47
N PRO A 75 -0.92 -13.00 -2.24
CA PRO A 75 0.44 -13.53 -1.99
C PRO A 75 0.77 -14.78 -2.79
N GLU A 76 -0.22 -15.55 -3.23
CA GLU A 76 0.10 -16.79 -3.91
C GLU A 76 0.63 -16.53 -5.31
N ARG A 77 0.30 -15.37 -5.87
CA ARG A 77 0.74 -14.96 -7.18
C ARG A 77 1.70 -13.80 -7.15
N ASN A 78 1.91 -13.19 -6.00
CA ASN A 78 2.78 -12.01 -5.90
C ASN A 78 2.32 -10.96 -6.91
N GLU A 79 1.03 -10.63 -6.92
CA GLU A 79 0.59 -9.49 -7.78
C GLU A 79 -0.55 -8.69 -7.15
N TRP A 80 -0.55 -7.44 -7.51
CA TRP A 80 -1.60 -6.52 -7.09
C TRP A 80 -2.55 -6.32 -8.25
N SER A 81 -3.84 -6.12 -8.00
CA SER A 81 -4.75 -5.75 -9.08
C SER A 81 -5.69 -4.69 -8.56
N LEU A 82 -6.03 -3.77 -9.43
CA LEU A 82 -6.95 -2.68 -9.08
C LEU A 82 -8.41 -3.15 -9.10
N VAL A 83 -9.18 -2.70 -8.12
CA VAL A 83 -10.57 -3.07 -7.97
C VAL A 83 -11.41 -1.79 -7.97
N ALA A 84 -12.62 -1.82 -7.48
CA ALA A 84 -13.45 -0.62 -7.51
C ALA A 84 -12.90 0.48 -6.61
N PRO A 85 -12.83 1.72 -7.08
CA PRO A 85 -12.33 2.81 -6.26
C PRO A 85 -13.36 3.28 -5.24
N LEU A 86 -12.84 3.97 -4.24
CA LEU A 86 -13.70 4.66 -3.25
C LEU A 86 -14.57 5.70 -3.92
N SER A 87 -15.62 6.15 -3.23
CA SER A 87 -16.49 7.27 -3.69
C SER A 87 -15.70 8.56 -3.68
N THR A 88 -14.71 8.65 -2.81
CA THR A 88 -13.96 9.90 -2.60
C THR A 88 -12.48 9.61 -2.46
N ARG A 89 -11.65 10.55 -2.88
CA ARG A 89 -10.20 10.43 -2.62
C ARG A 89 -10.01 10.45 -1.10
N ARG A 90 -9.11 9.60 -0.59
CA ARG A 90 -8.87 9.55 0.85
C ARG A 90 -7.39 9.21 1.07
N SER A 91 -6.61 10.16 1.61
CA SER A 91 -5.35 9.80 2.23
C SER A 91 -5.43 10.03 3.72
N GLY A 92 -4.51 9.43 4.47
CA GLY A 92 -4.65 9.49 5.92
C GLY A 92 -5.90 8.79 6.38
N VAL A 93 -6.29 7.74 5.67
CA VAL A 93 -7.53 7.01 5.89
C VAL A 93 -7.29 5.83 6.80
N GLY A 94 -8.23 5.56 7.69
CA GLY A 94 -8.17 4.35 8.51
C GLY A 94 -9.01 3.25 7.88
N VAL A 95 -8.53 2.03 7.93
CA VAL A 95 -9.20 0.90 7.28
C VAL A 95 -9.28 -0.25 8.26
N ALA A 96 -10.46 -0.87 8.36
CA ALA A 96 -10.61 -2.08 9.14
C ALA A 96 -11.61 -3.01 8.48
N VAL A 97 -11.58 -4.26 8.90
CA VAL A 97 -12.39 -5.31 8.30
C VAL A 97 -13.33 -5.82 9.37
N LEU A 98 -14.61 -5.84 9.05
CA LEU A 98 -15.63 -6.25 10.02
C LEU A 98 -16.75 -6.89 9.25
#